data_8H7B
#
_entry.id   8H7B
#
_cell.length_a   58.248
_cell.length_b   63.205
_cell.length_c   83.548
_cell.angle_alpha   90.0
_cell.angle_beta   90.0
_cell.angle_gamma   90.0
#
_symmetry.space_group_name_H-M   'P 21 21 21'
#
loop_
_entity.id
_entity.type
_entity.pdbx_description
1 polymer 'Induced myeloid leukemia cell differentiation protein Mcl-1'
2 non-polymer '7-[3-(isoquinolin-7-yloxymethyl)-1,5-dimethyl-pyrazol-4-yl]-3-(3-naphthalen-1-yloxypropyl)-1H-indole-2-carboxylic acid'
3 water water
#
_entity_poly.entity_id   1
_entity_poly.type   'polypeptide(L)'
_entity_poly.pdbx_seq_one_letter_code
;SDELYRQSLEIISRYLREQATGAKDTKPMGRSGATSRKALETLRRVGDGVQRNHETAFQGMLRKLDIKNEDDVKSLSRVM
IHVFSDGVTNWGRIVTLISFGAFVAKHLKTINQESCIEPLAESITDVLVRTKRDWLVKQRGWDGFVEFFHVE
;
_entity_poly.pdbx_strand_id   A,B
#
# COMPACT_ATOMS: atom_id res chain seq x y z
N SER A 1 -14.90 -10.64 30.39
CA SER A 1 -14.93 -11.39 29.13
C SER A 1 -15.22 -10.51 27.94
N ASP A 2 -14.65 -10.87 26.79
CA ASP A 2 -14.84 -10.14 25.56
C ASP A 2 -14.73 -11.14 24.42
N GLU A 3 -15.84 -11.78 24.10
CA GLU A 3 -15.85 -12.86 23.13
C GLU A 3 -15.40 -12.40 21.73
N LEU A 4 -15.79 -11.21 21.31
CA LEU A 4 -15.37 -10.71 20.00
C LEU A 4 -13.85 -10.59 19.94
N TYR A 5 -13.24 -10.04 21.01
CA TYR A 5 -11.79 -9.94 21.05
C TYR A 5 -11.15 -11.32 21.04
N ARG A 6 -11.65 -12.21 21.90
CA ARG A 6 -11.08 -13.55 22.02
C ARG A 6 -11.10 -14.31 20.70
N GLN A 7 -12.24 -14.33 20.04
CA GLN A 7 -12.39 -15.05 18.79
C GLN A 7 -11.53 -14.44 17.67
N SER A 8 -11.47 -13.11 17.63
CA SER A 8 -10.66 -12.43 16.62
C SER A 8 -9.18 -12.78 16.81
N LEU A 9 -8.73 -12.77 18.07
CA LEU A 9 -7.33 -13.05 18.35
C LEU A 9 -7.02 -14.49 17.96
N GLU A 10 -7.95 -15.40 18.24
CA GLU A 10 -7.79 -16.81 17.91
C GLU A 10 -7.65 -17.00 16.39
N ILE A 11 -8.53 -16.37 15.62
CA ILE A 11 -8.49 -16.49 14.17
C ILE A 11 -7.23 -15.86 13.59
N ILE A 12 -6.96 -14.62 13.97
CA ILE A 12 -5.83 -13.89 13.41
C ILE A 12 -4.51 -14.52 13.82
N SER A 13 -4.34 -14.90 15.08
CA SER A 13 -3.08 -15.52 15.48
C SER A 13 -2.89 -16.85 14.78
N ARG A 14 -3.94 -17.67 14.67
CA ARG A 14 -3.77 -18.93 13.97
C ARG A 14 -3.42 -18.74 12.50
N TYR A 15 -4.05 -17.78 11.83
CA TYR A 15 -3.73 -17.54 10.43
C TYR A 15 -2.28 -17.08 10.27
N LEU A 16 -1.84 -16.14 11.09
CA LEU A 16 -0.47 -15.64 10.98
C LEU A 16 0.57 -16.73 11.23
N ARG A 17 0.34 -17.55 12.26
CA ARG A 17 1.28 -18.63 12.60
C ARG A 17 1.37 -19.66 11.46
N GLU A 18 0.23 -20.01 10.89
CA GLU A 18 0.16 -21.00 9.82
C GLU A 18 0.83 -20.50 8.54
N GLN A 19 0.64 -19.21 8.25
CA GLN A 19 1.28 -18.58 7.10
C GLN A 19 2.79 -18.55 7.27
N ALA A 20 3.25 -18.29 8.49
CA ALA A 20 4.68 -18.23 8.75
C ALA A 20 5.35 -19.61 8.71
N THR A 21 4.71 -20.60 9.34
CA THR A 21 5.31 -21.93 9.49
C THR A 21 4.96 -22.95 8.40
N GLY A 22 3.80 -22.79 7.78
CA GLY A 22 3.34 -23.73 6.77
C GLY A 22 2.63 -24.94 7.39
N ALA A 23 2.44 -24.91 8.71
CA ALA A 23 1.82 -26.03 9.41
C ALA A 23 0.50 -25.64 10.06
N LYS A 24 -0.51 -26.50 9.94
CA LYS A 24 -1.80 -26.22 10.55
C LYS A 24 -1.92 -26.70 12.00
N ASP A 25 -2.52 -25.85 12.83
CA ASP A 25 -2.79 -26.13 14.22
C ASP A 25 -3.93 -27.15 14.34
N THR A 26 -3.70 -28.27 15.00
CA THR A 26 -4.74 -29.29 15.13
C THR A 26 -5.58 -29.11 16.39
N LYS A 27 -5.14 -28.23 17.28
CA LYS A 27 -5.83 -27.98 18.54
C LYS A 27 -7.24 -27.44 18.30
N PRO A 28 -8.21 -27.87 19.12
CA PRO A 28 -9.60 -27.44 18.97
C PRO A 28 -9.77 -25.94 19.19
N MET A 29 -10.79 -25.35 18.58
CA MET A 29 -11.08 -23.94 18.76
C MET A 29 -11.69 -23.69 20.14
N GLY A 30 -11.57 -22.46 20.62
CA GLY A 30 -11.97 -22.11 21.98
C GLY A 30 -13.46 -22.21 22.28
N ARG A 31 -14.28 -22.26 21.25
CA ARG A 31 -15.72 -22.38 21.44
C ARG A 31 -16.33 -23.39 20.46
N GLY A 33 -15.87 -21.48 17.34
CA GLY A 33 -15.61 -22.87 17.04
C GLY A 33 -15.83 -23.20 15.57
N ALA A 34 -17.06 -23.56 15.23
CA ALA A 34 -17.41 -23.81 13.84
C ALA A 34 -17.21 -22.53 13.03
N THR A 35 -17.61 -21.40 13.60
CA THR A 35 -17.46 -20.12 12.94
C THR A 35 -15.99 -19.80 12.73
N SER A 36 -15.17 -20.04 13.76
CA SER A 36 -13.74 -19.77 13.64
C SER A 36 -13.09 -20.64 12.56
N ARG A 37 -13.48 -21.90 12.48
CA ARG A 37 -12.92 -22.77 11.46
C ARG A 37 -13.25 -22.22 10.07
N LYS A 38 -14.50 -21.80 9.89
CA LYS A 38 -14.94 -21.27 8.61
C LYS A 38 -14.26 -19.94 8.27
N ALA A 39 -14.03 -19.11 9.29
CA ALA A 39 -13.32 -17.83 9.10
C ALA A 39 -11.88 -18.07 8.66
N LEU A 40 -11.23 -19.05 9.28
CA LEU A 40 -9.85 -19.36 8.97
C LEU A 40 -9.76 -19.93 7.54
N GLU A 41 -10.71 -20.76 7.15
CA GLU A 41 -10.76 -21.29 5.78
C GLU A 41 -10.94 -20.15 4.78
N THR A 42 -11.79 -19.19 5.12
CA THR A 42 -12.01 -18.01 4.28
C THR A 42 -10.73 -17.20 4.12
N LEU A 43 -10.01 -16.99 5.22
CA LEU A 43 -8.75 -16.24 5.16
C LEU A 43 -7.70 -16.93 4.30
N ARG A 44 -7.60 -18.25 4.38
CA ARG A 44 -6.62 -18.97 3.57
C ARG A 44 -6.85 -18.66 2.10
N ARG A 45 -8.11 -18.69 1.68
CA ARG A 45 -8.47 -18.44 0.30
C ARG A 45 -8.32 -16.96 -0.11
N VAL A 46 -8.95 -16.06 0.63
CA VAL A 46 -8.95 -14.66 0.22
C VAL A 46 -7.59 -14.02 0.52
N GLY A 47 -7.01 -14.34 1.67
CA GLY A 47 -5.76 -13.73 2.08
C GLY A 47 -4.58 -14.06 1.19
N ASP A 48 -4.52 -15.30 0.73
CA ASP A 48 -3.41 -15.68 -0.13
C ASP A 48 -3.50 -14.92 -1.46
N GLY A 49 -4.71 -14.72 -1.97
CA GLY A 49 -4.91 -13.91 -3.17
C GLY A 49 -4.50 -12.46 -2.97
N VAL A 50 -4.85 -11.90 -1.81
CA VAL A 50 -4.52 -10.51 -1.53
C VAL A 50 -3.02 -10.31 -1.49
N GLN A 51 -2.31 -11.24 -0.85
CA GLN A 51 -0.84 -11.16 -0.78
C GLN A 51 -0.21 -11.25 -2.17
N ARG A 52 -0.79 -12.06 -3.05
CA ARG A 52 -0.27 -12.19 -4.40
C ARG A 52 -0.54 -10.91 -5.19
N ASN A 53 -1.75 -10.40 -5.09
CA ASN A 53 -2.14 -9.22 -5.87
C ASN A 53 -1.40 -7.96 -5.45
N HIS A 54 -1.01 -7.89 -4.19
CA HIS A 54 -0.41 -6.67 -3.66
C HIS A 54 1.02 -6.86 -3.20
N GLU A 55 1.72 -7.80 -3.82
CA GLU A 55 3.10 -8.09 -3.48
C GLU A 55 3.96 -6.82 -3.42
N THR A 56 3.86 -5.99 -4.44
CA THR A 56 4.71 -4.81 -4.52
C THR A 56 4.40 -3.78 -3.43
N ALA A 57 3.13 -3.50 -3.21
CA ALA A 57 2.73 -2.59 -2.14
C ALA A 57 3.14 -3.12 -0.77
N PHE A 58 2.98 -4.43 -0.58
CA PHE A 58 3.32 -5.06 0.69
C PHE A 58 4.83 -5.02 0.92
N GLN A 59 5.62 -5.31 -0.11
CA GLN A 59 7.08 -5.18 0.02
C GLN A 59 7.46 -3.76 0.43
N GLY A 60 6.82 -2.76 -0.18
CA GLY A 60 7.12 -1.36 0.12
C GLY A 60 6.79 -0.99 1.54
N MET A 61 5.62 -1.42 2.01
CA MET A 61 5.23 -1.14 3.40
C MET A 61 6.16 -1.82 4.38
N LEU A 62 6.52 -3.07 4.08
CA LEU A 62 7.40 -3.85 4.95
C LEU A 62 8.78 -3.20 5.07
N ARG A 63 9.28 -2.64 3.98
CA ARG A 63 10.58 -1.97 4.01
C ARG A 63 10.52 -0.68 4.81
N LYS A 64 9.40 0.04 4.65
CA LYS A 64 9.18 1.30 5.36
C LYS A 64 9.18 1.04 6.87
N LEU A 65 8.52 -0.02 7.29
CA LEU A 65 8.68 -0.45 8.67
C LEU A 65 10.05 -1.10 8.67
N ASP A 66 10.72 -1.20 9.80
CA ASP A 66 12.03 -1.84 9.70
C ASP A 66 12.14 -2.86 10.79
N ILE A 67 11.21 -3.80 10.75
CA ILE A 67 11.05 -4.77 11.82
C ILE A 67 12.25 -5.69 11.87
N LYS A 68 12.89 -5.72 13.03
CA LYS A 68 14.09 -6.50 13.24
C LYS A 68 13.97 -7.21 14.57
N ASN A 69 13.24 -6.59 15.50
CA ASN A 69 13.07 -7.14 16.84
C ASN A 69 11.70 -6.81 17.44
N GLU A 70 11.53 -7.16 18.70
CA GLU A 70 10.26 -7.00 19.39
C GLU A 70 9.92 -5.51 19.55
N ASP A 71 10.94 -4.69 19.72
CA ASP A 71 10.70 -3.26 19.93
C ASP A 71 10.09 -2.62 18.68
N ASP A 72 10.51 -3.08 17.50
CA ASP A 72 9.96 -2.61 16.23
C ASP A 72 8.48 -2.96 16.08
N VAL A 73 8.11 -4.15 16.54
CA VAL A 73 6.72 -4.60 16.47
C VAL A 73 5.82 -3.72 17.34
N LYS A 74 6.34 -3.25 18.46
CA LYS A 74 5.56 -2.43 19.37
C LYS A 74 5.25 -1.06 18.76
N SER A 75 6.11 -0.59 17.85
CA SER A 75 5.95 0.75 17.29
C SER A 75 5.15 0.78 16.00
N LEU A 76 5.08 -0.35 15.30
CA LEU A 76 4.36 -0.40 14.02
C LEU A 76 2.86 -0.18 14.21
N SER A 77 2.41 -0.26 15.46
CA SER A 77 1.01 0.03 15.81
C SER A 77 0.61 1.44 15.36
N ARG A 78 1.55 2.38 15.50
CA ARG A 78 1.32 3.77 15.12
C ARG A 78 0.92 3.89 13.67
N VAL A 79 1.75 3.31 12.79
CA VAL A 79 1.50 3.32 11.37
C VAL A 79 0.21 2.60 11.04
N MET A 80 0.00 1.43 11.66
CA MET A 80 -1.18 0.62 11.40
C MET A 80 -2.45 1.41 11.68
N ILE A 81 -2.53 2.02 12.86
CA ILE A 81 -3.71 2.79 13.23
C ILE A 81 -3.91 3.93 12.24
N HIS A 82 -2.83 4.61 11.89
CA HIS A 82 -2.89 5.75 10.99
C HIS A 82 -3.50 5.38 9.64
N VAL A 83 -2.97 4.33 9.02
CA VAL A 83 -3.44 3.90 7.72
C VAL A 83 -4.83 3.26 7.78
N PHE A 84 -5.08 2.43 8.78
CA PHE A 84 -6.32 1.67 8.85
C PHE A 84 -7.53 2.50 9.27
N SER A 85 -7.33 3.47 10.15
CA SER A 85 -8.45 4.26 10.67
C SER A 85 -8.91 5.34 9.70
N ASP A 86 -8.07 5.70 8.74
CA ASP A 86 -8.46 6.70 7.76
C ASP A 86 -9.32 6.08 6.66
N GLY A 87 -10.39 6.77 6.30
CA GLY A 87 -11.23 6.32 5.21
C GLY A 87 -12.38 5.44 5.68
N VAL A 88 -13.00 4.76 4.73
CA VAL A 88 -14.20 3.99 5.00
C VAL A 88 -13.88 2.59 5.49
N THR A 89 -14.85 1.99 6.15
CA THR A 89 -14.74 0.64 6.69
C THR A 89 -15.36 -0.39 5.75
N ASN A 90 -14.63 -1.46 5.43
CA ASN A 90 -15.26 -2.59 4.74
C ASN A 90 -14.46 -3.88 4.93
N TRP A 91 -15.08 -5.01 4.57
CA TRP A 91 -14.43 -6.29 4.82
C TRP A 91 -13.14 -6.43 4.00
N GLY A 92 -13.09 -5.84 2.81
CA GLY A 92 -11.90 -5.89 2.00
C GLY A 92 -10.69 -5.28 2.71
N ARG A 93 -10.89 -4.15 3.38
CA ARG A 93 -9.76 -3.53 4.08
C ARG A 93 -9.37 -4.35 5.30
N ILE A 94 -10.34 -4.98 5.93
CA ILE A 94 -10.04 -5.84 7.07
C ILE A 94 -9.21 -7.05 6.62
N VAL A 95 -9.56 -7.63 5.48
CA VAL A 95 -8.74 -8.72 4.91
C VAL A 95 -7.33 -8.21 4.54
N THR A 96 -7.24 -7.00 4.01
CA THR A 96 -5.92 -6.44 3.70
C THR A 96 -5.06 -6.28 4.97
N LEU A 97 -5.67 -5.80 6.04
CA LEU A 97 -5.01 -5.64 7.33
C LEU A 97 -4.42 -6.98 7.80
N ILE A 98 -5.24 -8.02 7.76
CA ILE A 98 -4.82 -9.33 8.25
C ILE A 98 -3.83 -10.00 7.29
N SER A 99 -4.04 -9.84 5.99
CA SER A 99 -3.13 -10.38 4.98
C SER A 99 -1.75 -9.77 5.04
N PHE A 100 -1.69 -8.46 5.28
CA PHE A 100 -0.39 -7.84 5.42
C PHE A 100 0.26 -8.35 6.71
N GLY A 101 -0.54 -8.60 7.73
CA GLY A 101 -0.07 -9.23 8.95
C GLY A 101 0.63 -10.55 8.67
N ALA A 102 0.02 -11.39 7.82
CA ALA A 102 0.63 -12.67 7.45
C ALA A 102 1.93 -12.46 6.68
N PHE A 103 1.94 -11.45 5.82
CA PHE A 103 3.12 -11.09 5.05
C PHE A 103 4.28 -10.73 5.98
N VAL A 104 3.99 -9.93 7.00
CA VAL A 104 5.00 -9.57 7.99
C VAL A 104 5.43 -10.79 8.81
N ALA A 105 4.47 -11.63 9.17
CA ALA A 105 4.77 -12.82 9.95
C ALA A 105 5.75 -13.74 9.19
N LYS A 106 5.57 -13.88 7.88
CA LYS A 106 6.49 -14.66 7.06
C LYS A 106 7.86 -14.05 7.12
N HIS A 107 7.93 -12.73 7.03
CA HIS A 107 9.20 -12.04 7.11
C HIS A 107 9.86 -12.29 8.47
N LEU A 108 9.09 -12.21 9.54
CA LEU A 108 9.61 -12.42 10.89
C LEU A 108 10.25 -13.79 11.04
N LYS A 109 9.62 -14.80 10.46
CA LYS A 109 10.17 -16.14 10.56
C LYS A 109 11.51 -16.23 9.82
N THR A 110 11.63 -15.54 8.69
CA THR A 110 12.87 -15.62 7.90
C THR A 110 14.04 -15.01 8.63
N ILE A 111 13.77 -13.98 9.45
CA ILE A 111 14.85 -13.35 10.21
C ILE A 111 14.94 -13.90 11.63
N ASN A 112 14.45 -15.11 11.83
CA ASN A 112 14.54 -15.79 13.12
C ASN A 112 13.93 -14.97 14.26
N GLN A 113 12.75 -14.42 14.00
CA GLN A 113 12.01 -13.67 15.02
C GLN A 113 10.58 -14.19 15.10
N GLU A 114 10.42 -15.51 15.08
CA GLU A 114 9.09 -16.12 15.09
C GLU A 114 8.29 -15.76 16.35
N SER A 115 8.98 -15.56 17.48
CA SER A 115 8.27 -15.19 18.71
C SER A 115 7.53 -13.85 18.58
N CYS A 116 7.98 -13.01 17.65
CA CYS A 116 7.38 -11.69 17.46
C CYS A 116 6.04 -11.77 16.76
N ILE A 117 5.70 -12.96 16.26
CA ILE A 117 4.41 -13.14 15.60
C ILE A 117 3.28 -12.97 16.63
N GLU A 118 3.52 -13.36 17.88
CA GLU A 118 2.46 -13.27 18.89
C GLU A 118 2.09 -11.83 19.24
N PRO A 119 3.06 -10.96 19.58
CA PRO A 119 2.65 -9.56 19.75
C PRO A 119 2.12 -8.91 18.48
N LEU A 120 2.58 -9.36 17.31
CA LEU A 120 2.06 -8.83 16.06
C LEU A 120 0.57 -9.14 15.92
N ALA A 121 0.21 -10.39 16.17
CA ALA A 121 -1.20 -10.81 16.10
C ALA A 121 -2.05 -10.05 17.11
N GLU A 122 -1.50 -9.87 18.31
CA GLU A 122 -2.18 -9.16 19.38
C GLU A 122 -2.40 -7.69 18.99
N SER A 123 -1.40 -7.08 18.38
CA SER A 123 -1.51 -5.69 17.95
C SER A 123 -2.56 -5.50 16.86
N ILE A 124 -2.54 -6.39 15.86
CA ILE A 124 -3.53 -6.34 14.79
C ILE A 124 -4.94 -6.50 15.34
N THR A 125 -5.13 -7.47 16.23
CA THR A 125 -6.44 -7.73 16.81
C THR A 125 -6.89 -6.53 17.62
N ASP A 126 -5.98 -5.96 18.39
CA ASP A 126 -6.35 -4.83 19.23
C ASP A 126 -6.79 -3.63 18.38
N VAL A 127 -6.04 -3.31 17.33
CA VAL A 127 -6.43 -2.21 16.45
C VAL A 127 -7.79 -2.47 15.79
N LEU A 128 -7.98 -3.70 15.30
CA LEU A 128 -9.20 -4.06 14.61
C LEU A 128 -10.41 -3.89 15.50
N VAL A 129 -10.35 -4.51 16.67
CA VAL A 129 -11.50 -4.55 17.54
C VAL A 129 -11.74 -3.21 18.24
N ARG A 130 -10.67 -2.50 18.60
CA ARG A 130 -10.83 -1.20 19.25
C ARG A 130 -11.38 -0.15 18.30
N THR A 131 -10.95 -0.15 17.05
CA THR A 131 -11.37 0.90 16.13
C THR A 131 -12.66 0.57 15.41
N LYS A 132 -12.96 -0.73 15.23
CA LYS A 132 -14.13 -1.13 14.46
C LYS A 132 -15.20 -1.88 15.25
N ARG A 133 -15.14 -1.81 16.58
CA ARG A 133 -16.06 -2.55 17.44
C ARG A 133 -17.52 -2.49 16.98
N ASP A 134 -18.10 -1.30 16.90
CA ASP A 134 -19.52 -1.21 16.62
C ASP A 134 -19.85 -1.67 15.20
N TRP A 135 -18.96 -1.37 14.25
CA TRP A 135 -19.16 -1.85 12.88
C TRP A 135 -19.14 -3.38 12.82
N LEU A 136 -18.18 -3.98 13.49
CA LEU A 136 -18.09 -5.45 13.53
C LEU A 136 -19.36 -6.05 14.12
N VAL A 137 -19.85 -5.47 15.21
CA VAL A 137 -21.05 -5.99 15.85
C VAL A 137 -22.26 -5.87 14.91
N LYS A 138 -22.41 -4.72 14.25
CA LYS A 138 -23.50 -4.52 13.27
C LYS A 138 -23.39 -5.44 12.06
N GLN A 139 -22.18 -5.80 11.69
CA GLN A 139 -21.94 -6.67 10.55
C GLN A 139 -21.99 -8.16 10.92
N ARG A 140 -22.36 -8.44 12.17
CA ARG A 140 -22.47 -9.80 12.73
C ARG A 140 -21.13 -10.53 12.85
N GLY A 141 -20.07 -9.77 13.08
CA GLY A 141 -18.77 -10.32 13.40
C GLY A 141 -18.24 -11.31 12.39
N TRP A 142 -17.66 -12.39 12.89
CA TRP A 142 -17.01 -13.36 12.01
C TRP A 142 -18.03 -14.18 11.22
N ASP A 143 -19.26 -14.29 11.72
CA ASP A 143 -20.30 -14.92 10.90
C ASP A 143 -20.57 -14.06 9.67
N GLY A 144 -20.59 -12.74 9.86
CA GLY A 144 -20.78 -11.82 8.74
C GLY A 144 -19.66 -11.89 7.74
N PHE A 145 -18.43 -12.02 8.24
CA PHE A 145 -17.23 -12.17 7.42
C PHE A 145 -17.33 -13.39 6.53
N VAL A 146 -17.68 -14.52 7.14
CA VAL A 146 -17.79 -15.77 6.39
C VAL A 146 -18.87 -15.63 5.31
N GLU A 147 -20.00 -15.05 5.67
CA GLU A 147 -21.11 -14.88 4.74
C GLU A 147 -20.72 -13.97 3.56
N PHE A 148 -19.99 -12.89 3.86
CA PHE A 148 -19.59 -11.92 2.84
C PHE A 148 -18.74 -12.54 1.75
N PHE A 149 -17.83 -13.42 2.14
CA PHE A 149 -16.88 -14.03 1.21
C PHE A 149 -17.28 -15.43 0.74
N HIS A 150 -18.50 -15.85 1.09
CA HIS A 150 -18.96 -17.21 0.78
C HIS A 150 -18.88 -17.53 -0.71
N VAL A 151 -18.41 -18.76 -0.98
CA VAL A 151 -18.17 -19.34 -2.31
C VAL A 151 -17.76 -18.31 -3.37
N SER B 1 14.40 -9.21 -7.93
CA SER B 1 14.65 -7.87 -7.41
C SER B 1 14.86 -6.90 -8.56
N ASP B 2 14.44 -5.66 -8.34
CA ASP B 2 14.59 -4.60 -9.31
C ASP B 2 14.69 -3.30 -8.52
N GLU B 3 15.92 -2.96 -8.15
CA GLU B 3 16.16 -1.82 -7.28
C GLU B 3 15.69 -0.48 -7.87
N LEU B 4 15.91 -0.29 -9.17
CA LEU B 4 15.48 0.95 -9.80
C LEU B 4 13.96 1.08 -9.72
N TYR B 5 13.24 -0.01 -10.01
CA TYR B 5 11.79 0.03 -9.89
C TYR B 5 11.38 0.31 -8.44
N ARG B 6 11.98 -0.41 -7.51
CA ARG B 6 11.63 -0.27 -6.10
C ARG B 6 11.83 1.17 -5.60
N GLN B 7 13.01 1.73 -5.87
CA GLN B 7 13.32 3.09 -5.42
C GLN B 7 12.40 4.11 -6.09
N SER B 8 12.13 3.92 -7.36
CA SER B 8 11.24 4.83 -8.08
C SER B 8 9.85 4.80 -7.48
N LEU B 9 9.34 3.60 -7.20
CA LEU B 9 8.00 3.48 -6.64
C LEU B 9 7.96 4.12 -5.24
N GLU B 10 9.01 3.91 -4.46
CA GLU B 10 9.07 4.47 -3.11
C GLU B 10 8.96 6.00 -3.14
N ILE B 11 9.72 6.63 -4.03
CA ILE B 11 9.72 8.08 -4.17
C ILE B 11 8.39 8.61 -4.73
N ILE B 12 7.95 8.02 -5.82
CA ILE B 12 6.76 8.49 -6.51
C ILE B 12 5.51 8.25 -5.65
N SER B 13 5.39 7.08 -5.03
CA SER B 13 4.22 6.82 -4.19
C SER B 13 4.17 7.76 -2.98
N ARG B 14 5.34 8.05 -2.39
CA ARG B 14 5.37 8.97 -1.25
C ARG B 14 4.96 10.37 -1.68
N TYR B 15 5.45 10.82 -2.83
CA TYR B 15 5.11 12.16 -3.31
C TYR B 15 3.61 12.25 -3.58
N LEU B 16 3.06 11.25 -4.27
CA LEU B 16 1.62 11.27 -4.57
C LEU B 16 0.77 11.25 -3.29
N ARG B 17 1.14 10.41 -2.31
CA ARG B 17 0.38 10.33 -1.06
C ARG B 17 0.38 11.62 -0.29
N GLU B 18 1.57 12.22 -0.16
CA GLU B 18 1.74 13.44 0.62
C GLU B 18 1.06 14.61 -0.06
N GLN B 19 1.10 14.65 -1.39
CA GLN B 19 0.41 15.69 -2.15
C GLN B 19 -1.11 15.56 -2.02
N ALA B 20 -1.61 14.33 -2.05
CA ALA B 20 -3.05 14.11 -1.98
C ALA B 20 -3.62 14.43 -0.60
N THR B 21 -2.91 14.04 0.45
CA THR B 21 -3.44 14.19 1.79
C THR B 21 -3.04 15.52 2.42
N GLY B 22 -1.93 16.08 1.97
CA GLY B 22 -1.41 17.33 2.52
C GLY B 22 -0.60 17.09 3.78
N ALA B 23 -0.40 15.83 4.12
CA ALA B 23 0.35 15.47 5.32
C ALA B 23 1.61 14.68 4.97
N LYS B 24 2.73 15.01 5.61
CA LYS B 24 4.00 14.33 5.38
C LYS B 24 4.08 13.08 6.26
N ASP B 25 4.71 12.02 5.76
CA ASP B 25 4.89 10.79 6.53
C ASP B 25 5.73 11.05 7.77
N GLY B 33 16.91 5.96 2.06
CA GLY B 33 18.31 6.30 1.92
C GLY B 33 18.53 7.76 1.60
N ALA B 34 19.80 8.17 1.55
CA ALA B 34 20.16 9.55 1.23
C ALA B 34 19.70 9.97 -0.16
N THR B 35 19.83 9.08 -1.14
CA THR B 35 19.42 9.40 -2.51
C THR B 35 17.93 9.64 -2.58
N SER B 36 17.16 8.73 -1.97
CA SER B 36 15.72 8.86 -2.00
C SER B 36 15.24 10.11 -1.27
N ARG B 37 15.87 10.43 -0.15
CA ARG B 37 15.50 11.61 0.61
C ARG B 37 15.77 12.86 -0.22
N LYS B 38 16.93 12.95 -0.84
CA LYS B 38 17.21 14.12 -1.66
C LYS B 38 16.37 14.19 -2.92
N ALA B 39 16.08 13.04 -3.52
CA ALA B 39 15.22 13.01 -4.70
C ALA B 39 13.82 13.52 -4.34
N LEU B 40 13.30 13.11 -3.18
CA LEU B 40 11.98 13.56 -2.77
C LEU B 40 11.99 15.07 -2.53
N GLU B 41 13.07 15.58 -1.93
CA GLU B 41 13.18 17.01 -1.69
C GLU B 41 13.18 17.79 -3.01
N THR B 42 13.94 17.28 -3.98
CA THR B 42 13.98 17.88 -5.30
C THR B 42 12.63 17.81 -5.99
N LEU B 43 11.99 16.65 -5.91
CA LEU B 43 10.70 16.42 -6.53
C LEU B 43 9.65 17.35 -5.95
N ARG B 44 9.67 17.52 -4.63
CA ARG B 44 8.74 18.45 -4.00
C ARG B 44 8.92 19.87 -4.54
N ARG B 45 10.16 20.30 -4.67
CA ARG B 45 10.43 21.66 -5.11
C ARG B 45 10.03 21.87 -6.58
N VAL B 46 10.51 21.00 -7.45
CA VAL B 46 10.27 21.19 -8.87
C VAL B 46 8.82 20.80 -9.24
N GLY B 47 8.33 19.71 -8.68
CA GLY B 47 7.00 19.20 -9.00
C GLY B 47 5.89 20.15 -8.57
N ASP B 48 6.06 20.79 -7.41
CA ASP B 48 5.08 21.76 -6.95
C ASP B 48 5.05 22.94 -7.91
N GLY B 49 6.22 23.34 -8.40
CA GLY B 49 6.30 24.42 -9.38
C GLY B 49 5.61 24.04 -10.68
N VAL B 50 5.85 22.82 -11.16
CA VAL B 50 5.26 22.36 -12.41
C VAL B 50 3.74 22.38 -12.34
N GLN B 51 3.18 21.94 -11.21
CA GLN B 51 1.73 21.94 -11.03
C GLN B 51 1.14 23.36 -11.08
N ARG B 52 1.84 24.32 -10.50
CA ARG B 52 1.39 25.71 -10.54
C ARG B 52 1.56 26.32 -11.93
N ASN B 53 2.70 26.12 -12.56
CA ASN B 53 2.98 26.72 -13.86
C ASN B 53 2.14 26.14 -14.99
N HIS B 54 1.73 24.88 -14.85
CA HIS B 54 0.96 24.21 -15.90
C HIS B 54 -0.43 23.83 -15.42
N GLU B 55 -0.94 24.59 -14.46
CA GLU B 55 -2.26 24.34 -13.90
C GLU B 55 -3.34 24.21 -14.98
N THR B 56 -3.37 25.14 -15.93
CA THR B 56 -4.43 25.11 -16.93
C THR B 56 -4.30 23.86 -17.81
N ALA B 57 -3.07 23.54 -18.23
CA ALA B 57 -2.84 22.33 -19.03
C ALA B 57 -3.23 21.07 -18.26
N PHE B 58 -2.90 21.04 -16.97
CA PHE B 58 -3.21 19.88 -16.14
C PHE B 58 -4.74 19.74 -15.96
N GLN B 59 -5.42 20.86 -15.74
CA GLN B 59 -6.88 20.84 -15.65
C GLN B 59 -7.50 20.26 -16.92
N GLY B 60 -6.98 20.68 -18.07
CA GLY B 60 -7.48 20.22 -19.35
C GLY B 60 -7.27 18.74 -19.55
N MET B 61 -6.09 18.25 -19.22
CA MET B 61 -5.80 16.83 -19.33
C MET B 61 -6.68 16.03 -18.37
N LEU B 62 -6.87 16.54 -17.15
CA LEU B 62 -7.69 15.85 -16.16
C LEU B 62 -9.13 15.75 -16.67
N ARG B 63 -9.60 16.79 -17.36
CA ARG B 63 -10.94 16.80 -17.94
C ARG B 63 -11.08 15.83 -19.12
N LYS B 64 -10.06 15.75 -19.96
CA LYS B 64 -10.06 14.82 -21.09
C LYS B 64 -10.16 13.38 -20.57
N LEU B 65 -9.40 13.09 -19.53
CA LEU B 65 -9.57 11.84 -18.81
C LEU B 65 -10.85 11.96 -18.02
N ASP B 66 -11.44 10.86 -17.59
CA ASP B 66 -12.65 11.01 -16.80
C ASP B 66 -12.55 10.15 -15.57
N ILE B 67 -11.49 10.39 -14.79
CA ILE B 67 -11.16 9.55 -13.66
C ILE B 67 -12.22 9.73 -12.57
N LYS B 68 -12.86 8.62 -12.22
CA LYS B 68 -13.93 8.63 -11.23
C LYS B 68 -13.83 7.43 -10.29
N ASN B 69 -13.24 6.35 -10.81
CA ASN B 69 -13.15 5.08 -10.08
C ASN B 69 -11.90 4.27 -10.39
N GLU B 70 -11.82 3.04 -9.89
CA GLU B 70 -10.61 2.21 -10.02
C GLU B 70 -10.23 1.71 -11.43
N ASP B 71 -11.22 1.35 -12.24
CA ASP B 71 -10.92 0.82 -13.59
C ASP B 71 -10.37 1.92 -14.50
N ASP B 72 -10.77 3.17 -14.24
CA ASP B 72 -10.26 4.31 -14.99
C ASP B 72 -8.75 4.46 -14.81
N VAL B 73 -8.28 4.26 -13.59
CA VAL B 73 -6.86 4.35 -13.30
C VAL B 73 -6.09 3.24 -14.01
N LYS B 74 -6.70 2.06 -14.08
CA LYS B 74 -6.06 0.91 -14.72
C LYS B 74 -5.93 1.13 -16.22
N SER B 75 -6.81 1.96 -16.76
CA SER B 75 -6.89 2.22 -18.18
C SER B 75 -6.03 3.41 -18.57
N LEU B 76 -5.69 4.22 -17.57
CA LEU B 76 -4.92 5.44 -17.80
C LEU B 76 -3.57 5.15 -18.41
N SER B 77 -3.17 3.90 -18.33
CA SER B 77 -1.90 3.49 -18.91
C SER B 77 -1.86 3.84 -20.40
N ARG B 78 -2.98 3.61 -21.09
CA ARG B 78 -3.06 3.82 -22.54
C ARG B 78 -2.71 5.25 -22.96
N VAL B 79 -3.43 6.24 -22.45
CA VAL B 79 -3.15 7.64 -22.78
C VAL B 79 -1.77 8.03 -22.27
N MET B 80 -1.46 7.64 -21.04
CA MET B 80 -0.18 7.96 -20.41
C MET B 80 0.99 7.45 -21.26
N ILE B 81 0.96 6.18 -21.61
CA ILE B 81 2.04 5.59 -22.40
C ILE B 81 2.16 6.29 -23.75
N HIS B 82 1.01 6.55 -24.38
CA HIS B 82 1.01 7.16 -25.70
C HIS B 82 1.71 8.52 -25.70
N VAL B 83 1.31 9.39 -24.78
CA VAL B 83 1.87 10.74 -24.73
C VAL B 83 3.32 10.72 -24.29
N PHE B 84 3.62 9.90 -23.29
CA PHE B 84 4.96 9.90 -22.69
C PHE B 84 6.00 9.23 -23.58
N SER B 85 5.59 8.20 -24.31
CA SER B 85 6.54 7.42 -25.12
C SER B 85 6.90 8.09 -26.43
N ASP B 86 6.06 9.03 -26.88
CA ASP B 86 6.35 9.77 -28.10
C ASP B 86 7.27 10.95 -27.78
N GLY B 87 8.23 11.23 -28.66
CA GLY B 87 9.09 12.39 -28.50
C GLY B 87 10.38 12.10 -27.76
N VAL B 88 11.05 13.14 -27.29
CA VAL B 88 12.38 12.96 -26.70
C VAL B 88 12.35 12.56 -25.25
N THR B 89 13.45 12.00 -24.76
CA THR B 89 13.61 11.65 -23.36
C THR B 89 14.34 12.77 -22.63
N ASN B 90 13.76 13.32 -21.58
CA ASN B 90 14.51 14.26 -20.74
C ASN B 90 13.92 14.31 -19.34
N TRP B 91 14.66 14.89 -18.41
CA TRP B 91 14.23 14.94 -17.01
C TRP B 91 12.98 15.80 -16.82
N GLY B 92 12.83 16.84 -17.63
CA GLY B 92 11.66 17.71 -17.53
C GLY B 92 10.37 16.95 -17.77
N ARG B 93 10.36 16.06 -18.76
CA ARG B 93 9.14 15.32 -19.06
C ARG B 93 8.87 14.31 -17.96
N ILE B 94 9.93 13.76 -17.37
CA ILE B 94 9.77 12.81 -16.28
C ILE B 94 9.15 13.50 -15.06
N VAL B 95 9.62 14.72 -14.75
CA VAL B 95 8.99 15.48 -13.68
C VAL B 95 7.54 15.82 -13.98
N THR B 96 7.24 16.12 -15.25
CA THR B 96 5.89 16.45 -15.65
C THR B 96 4.98 15.23 -15.44
N LEU B 97 5.46 14.06 -15.83
CA LEU B 97 4.72 12.81 -15.65
C LEU B 97 4.35 12.62 -14.19
N ILE B 98 5.33 12.78 -13.31
CA ILE B 98 5.10 12.55 -11.88
C ILE B 98 4.26 13.68 -11.26
N SER B 99 4.48 14.92 -11.68
CA SER B 99 3.70 16.05 -11.19
C SER B 99 2.23 15.95 -11.57
N PHE B 100 1.95 15.52 -12.81
CA PHE B 100 0.56 15.34 -13.18
C PHE B 100 -0.03 14.18 -12.38
N GLY B 101 0.79 13.17 -12.09
CA GLY B 101 0.37 12.11 -11.19
C GLY B 101 -0.09 12.66 -9.85
N ALA B 102 0.67 13.60 -9.30
CA ALA B 102 0.30 14.23 -8.03
C ALA B 102 -1.01 15.03 -8.18
N PHE B 103 -1.15 15.71 -9.32
CA PHE B 103 -2.36 16.46 -9.62
C PHE B 103 -3.60 15.54 -9.66
N VAL B 104 -3.46 14.39 -10.32
CA VAL B 104 -4.53 13.40 -10.39
C VAL B 104 -4.79 12.81 -8.98
N ALA B 105 -3.73 12.59 -8.22
CA ALA B 105 -3.88 12.04 -6.87
C ALA B 105 -4.71 12.97 -5.99
N LYS B 106 -4.50 14.28 -6.13
CA LYS B 106 -5.30 15.25 -5.40
C LYS B 106 -6.76 15.13 -5.80
N HIS B 107 -7.00 14.98 -7.10
CA HIS B 107 -8.36 14.80 -7.60
C HIS B 107 -9.01 13.53 -7.03
N LEU B 108 -8.26 12.43 -7.01
CA LEU B 108 -8.77 11.18 -6.47
C LEU B 108 -9.20 11.34 -5.02
N LYS B 109 -8.42 12.09 -4.25
CA LYS B 109 -8.72 12.35 -2.84
C LYS B 109 -10.03 13.10 -2.67
N THR B 110 -10.29 14.06 -3.53
CA THR B 110 -11.50 14.87 -3.42
C THR B 110 -12.76 14.04 -3.72
N ILE B 111 -12.63 13.08 -4.63
CA ILE B 111 -13.77 12.24 -4.97
C ILE B 111 -13.76 10.91 -4.23
N ASN B 112 -13.10 10.88 -3.07
CA ASN B 112 -13.09 9.72 -2.18
C ASN B 112 -12.62 8.42 -2.84
N GLN B 113 -11.54 8.51 -3.61
CA GLN B 113 -10.95 7.34 -4.25
C GLN B 113 -9.48 7.26 -3.92
N GLU B 114 -9.15 7.53 -2.68
CA GLU B 114 -7.76 7.54 -2.22
C GLU B 114 -7.12 6.15 -2.40
N SER B 115 -7.92 5.09 -2.32
CA SER B 115 -7.41 3.74 -2.50
C SER B 115 -6.76 3.53 -3.86
N CYS B 116 -7.14 4.36 -4.83
CA CYS B 116 -6.58 4.30 -6.19
C CYS B 116 -5.22 4.99 -6.33
N ILE B 117 -4.78 5.72 -5.31
CA ILE B 117 -3.55 6.49 -5.45
C ILE B 117 -2.29 5.62 -5.55
N GLU B 118 -2.19 4.57 -4.76
CA GLU B 118 -1.02 3.72 -4.85
C GLU B 118 -0.98 2.96 -6.20
N PRO B 119 -2.13 2.41 -6.66
CA PRO B 119 -2.10 1.81 -8.00
C PRO B 119 -1.71 2.80 -9.11
N LEU B 120 -2.09 4.05 -8.94
CA LEU B 120 -1.70 5.11 -9.88
C LEU B 120 -0.18 5.27 -9.85
N ALA B 121 0.38 5.31 -8.65
CA ALA B 121 1.82 5.42 -8.49
C ALA B 121 2.52 4.25 -9.15
N GLU B 122 2.00 3.04 -8.98
CA GLU B 122 2.62 1.87 -9.58
C GLU B 122 2.57 1.94 -11.10
N SER B 123 1.45 2.42 -11.62
CA SER B 123 1.27 2.57 -13.07
C SER B 123 2.26 3.58 -13.66
N ILE B 124 2.41 4.71 -12.99
CA ILE B 124 3.38 5.72 -13.40
C ILE B 124 4.81 5.18 -13.36
N THR B 125 5.15 4.49 -12.28
CA THR B 125 6.48 3.92 -12.14
C THR B 125 6.77 2.90 -13.24
N ASP B 126 5.78 2.06 -13.52
CA ASP B 126 5.94 1.03 -14.54
C ASP B 126 6.22 1.65 -15.90
N VAL B 127 5.44 2.67 -16.28
CA VAL B 127 5.65 3.31 -17.58
C VAL B 127 7.03 3.96 -17.63
N LEU B 128 7.40 4.63 -16.56
CA LEU B 128 8.70 5.29 -16.48
C LEU B 128 9.85 4.31 -16.67
N VAL B 129 9.86 3.27 -15.87
CA VAL B 129 10.99 2.35 -15.85
C VAL B 129 10.98 1.42 -17.07
N ARG B 130 9.80 1.07 -17.55
CA ARG B 130 9.72 0.19 -18.72
C ARG B 130 10.19 0.90 -19.99
N THR B 131 9.83 2.16 -20.14
CA THR B 131 10.13 2.88 -21.36
C THR B 131 11.49 3.57 -21.35
N LYS B 132 11.98 3.95 -20.17
CA LYS B 132 13.22 4.73 -20.08
C LYS B 132 14.35 4.01 -19.36
N ARG B 133 14.24 2.69 -19.19
CA ARG B 133 15.21 1.90 -18.40
C ARG B 133 16.66 2.25 -18.68
N ASP B 134 17.11 2.06 -19.92
CA ASP B 134 18.55 2.22 -20.20
C ASP B 134 19.02 3.67 -20.04
N TRP B 135 18.18 4.63 -20.41
CA TRP B 135 18.49 6.04 -20.21
C TRP B 135 18.61 6.37 -18.73
N LEU B 136 17.67 5.88 -17.91
CA LEU B 136 17.72 6.11 -16.48
C LEU B 136 19.00 5.55 -15.86
N VAL B 137 19.36 4.34 -16.26
CA VAL B 137 20.58 3.72 -15.73
C VAL B 137 21.81 4.56 -16.13
N LYS B 138 21.84 5.02 -17.38
CA LYS B 138 22.95 5.87 -17.85
C LYS B 138 23.05 7.19 -17.07
N GLN B 139 21.91 7.75 -16.64
CA GLN B 139 21.92 9.00 -15.90
C GLN B 139 22.19 8.80 -14.42
N ARG B 140 22.41 7.56 -14.03
CA ARG B 140 22.62 7.17 -12.63
C ARG B 140 21.33 7.36 -11.82
N GLY B 141 20.18 7.11 -12.47
CA GLY B 141 18.92 7.09 -11.76
C GLY B 141 18.60 8.36 -10.99
N TRP B 142 18.16 8.19 -9.75
CA TRP B 142 17.68 9.29 -8.97
C TRP B 142 18.81 10.23 -8.51
N ASP B 143 20.05 9.72 -8.49
CA ASP B 143 21.19 10.60 -8.27
C ASP B 143 21.33 11.59 -9.43
N GLY B 144 21.08 11.12 -10.66
CA GLY B 144 21.10 11.96 -11.85
C GLY B 144 20.00 13.01 -11.81
N PHE B 145 18.83 12.61 -11.32
CA PHE B 145 17.70 13.51 -11.16
C PHE B 145 18.06 14.69 -10.24
N VAL B 146 18.61 14.37 -9.08
CA VAL B 146 18.99 15.41 -8.12
C VAL B 146 20.03 16.34 -8.74
N GLU B 147 21.01 15.78 -9.43
CA GLU B 147 22.07 16.59 -10.04
C GLU B 147 21.52 17.51 -11.13
N PHE B 148 20.60 16.98 -11.93
CA PHE B 148 20.02 17.76 -13.03
C PHE B 148 19.32 19.01 -12.53
N PHE B 149 18.58 18.89 -11.42
CA PHE B 149 17.76 20.00 -10.96
C PHE B 149 18.42 20.83 -9.86
N HIS B 150 19.67 20.54 -9.56
CA HIS B 150 20.42 21.28 -8.55
C HIS B 150 20.58 22.76 -8.92
N VAL B 151 20.37 23.68 -7.97
CA VAL B 151 20.52 25.11 -8.27
C VAL B 151 21.25 25.87 -7.17
#